data_4LNA
#
_entry.id   4LNA
#
_cell.length_a   125.561
_cell.length_b   125.561
_cell.length_c   125.561
_cell.angle_alpha   90.000
_cell.angle_beta   90.000
_cell.angle_gamma   90.000
#
_symmetry.space_group_name_H-M   'P 43 3 2'
#
loop_
_entity.id
_entity.type
_entity.pdbx_description
1 polymer 'Purine nucleoside phosphorylase'
2 non-polymer 'PHOSPHATE ION'
3 non-polymer ADENINE
4 non-polymer (4S)-2-METHYL-2,4-PENTANEDIOL
5 non-polymer 'CHLORIDE ION'
6 water water
#
_entity_poly.entity_id   1
_entity_poly.type   'polypeptide(L)'
_entity_poly.pdbx_seq_one_letter_code
;(MSE)HHHHHHSSGVDLGTENLYFQS(MSE)FEQIQETTQFIQSKITLRPAIGIILGTGLGALTNELDIDTTIPYETIPH
FPLSTVEFHSGKLLIGTLGGKSVVV(MSE)QGRFHYYEGYT(MSE)QQVTYPVRV(MSE)HALGIQTLLVSNAAGG
(MSE)NPTFQTSDL(MSE)VIDDHISLLLPQNPLICPNPPIFGDRFPD(MSE)SEPYRKSLIDLAFSVAAELDIPLKRGV
YVSVTGPQLETRAEYR(MSE)LRQWGADAVG(MSE)STVPEVIVANQLG(MSE)DVFGISVITDLCFPDTLEKAELVKIL
ATAAQAEPKLT(MSE)LIRE(MSE)IGRL
;
_entity_poly.pdbx_strand_id   A
#
loop_
_chem_comp.id
_chem_comp.type
_chem_comp.name
_chem_comp.formula
ADE non-polymer ADENINE 'C5 H5 N5'
CL non-polymer 'CHLORIDE ION' 'Cl -1'
MPD non-polymer (4S)-2-METHYL-2,4-PENTANEDIOL 'C6 H14 O2'
PO4 non-polymer 'PHOSPHATE ION' 'O4 P -3'
#
# COMPACT_ATOMS: atom_id res chain seq x y z
N SER A 22 4.02 -0.44 26.84
CA SER A 22 3.69 -1.56 25.93
C SER A 22 3.94 -1.16 24.47
N MSE A 23 3.18 -1.75 23.55
CA MSE A 23 3.19 -1.32 22.16
C MSE A 23 2.56 0.06 22.11
O MSE A 23 3.01 0.92 21.34
CB MSE A 23 2.44 -2.32 21.31
CG MSE A 23 2.63 -2.06 19.82
SE MSE A 23 1.18 -2.95 18.81
CE MSE A 23 -0.39 -2.27 19.80
N PHE A 24 1.54 0.28 22.95
CA PHE A 24 0.90 1.59 23.09
C PHE A 24 1.88 2.72 23.46
N GLU A 25 2.82 2.42 24.35
CA GLU A 25 3.82 3.40 24.78
C GLU A 25 4.81 3.71 23.66
N GLN A 26 5.19 2.69 22.90
CA GLN A 26 6.03 2.89 21.74
C GLN A 26 5.36 3.81 20.72
N ILE A 27 4.12 3.49 20.37
CA ILE A 27 3.37 4.31 19.42
C ILE A 27 3.27 5.78 19.90
N GLN A 28 3.04 5.97 21.21
CA GLN A 28 2.97 7.31 21.79
C GLN A 28 4.27 8.06 21.55
N GLU A 29 5.39 7.38 21.81
CA GLU A 29 6.70 7.98 21.66
C GLU A 29 6.94 8.37 20.21
N THR A 30 6.60 7.46 19.29
CA THR A 30 6.76 7.71 17.85
C THR A 30 5.92 8.92 17.41
N THR A 31 4.64 8.95 17.79
CA THR A 31 3.74 10.02 17.37
C THR A 31 4.13 11.35 18.02
N GLN A 32 4.59 11.29 19.28
CA GLN A 32 5.05 12.50 19.99
C GLN A 32 6.22 13.12 19.22
N PHE A 33 7.18 12.29 18.83
CA PHE A 33 8.28 12.75 18.00
C PHE A 33 7.79 13.39 16.70
N ILE A 34 6.91 12.69 15.98
CA ILE A 34 6.37 13.23 14.72
C ILE A 34 5.62 14.56 14.95
N GLN A 35 4.72 14.60 15.93
CA GLN A 35 3.99 15.83 16.27
C GLN A 35 4.92 17.03 16.59
N SER A 36 6.07 16.76 17.19
CA SER A 36 7.05 17.83 17.49
C SER A 36 7.66 18.44 16.22
N LYS A 37 7.63 17.70 15.12
CA LYS A 37 8.17 18.20 13.84
C LYS A 37 7.12 18.84 12.94
N ILE A 38 5.85 18.48 13.10
CA ILE A 38 4.82 18.91 12.15
C ILE A 38 3.88 19.95 12.74
N THR A 39 3.21 20.69 11.87
CA THR A 39 2.16 21.57 12.36
C THR A 39 0.82 21.28 11.66
N LEU A 40 0.86 20.53 10.56
CA LEU A 40 -0.36 20.17 9.85
C LEU A 40 -1.08 19.04 10.58
N ARG A 41 -2.35 18.86 10.27
CA ARG A 41 -3.16 17.82 10.89
C ARG A 41 -3.75 16.89 9.81
N PRO A 42 -2.90 16.07 9.17
CA PRO A 42 -3.42 15.22 8.10
C PRO A 42 -4.44 14.19 8.60
N ALA A 43 -5.53 14.02 7.85
CA ALA A 43 -6.46 12.93 8.09
C ALA A 43 -6.33 11.86 7.00
N ILE A 44 -5.38 12.05 6.07
CA ILE A 44 -5.17 11.15 4.92
C ILE A 44 -3.71 10.71 4.89
N GLY A 45 -3.48 9.41 4.67
CA GLY A 45 -2.14 8.88 4.57
C GLY A 45 -1.94 8.13 3.27
N ILE A 46 -0.71 8.16 2.74
CA ILE A 46 -0.39 7.47 1.48
C ILE A 46 0.89 6.66 1.62
N ILE A 47 0.80 5.38 1.30
CA ILE A 47 1.97 4.49 1.25
C ILE A 47 2.30 4.31 -0.23
N LEU A 48 3.48 4.77 -0.61
CA LEU A 48 3.97 4.66 -1.99
C LEU A 48 4.71 3.36 -2.20
N GLY A 49 4.29 2.60 -3.21
CA GLY A 49 4.95 1.37 -3.58
C GLY A 49 6.38 1.58 -4.06
N THR A 50 7.19 0.52 -3.97
CA THR A 50 8.58 0.56 -4.40
C THR A 50 8.63 0.84 -5.90
N GLY A 51 9.31 1.92 -6.25
CA GLY A 51 9.41 2.37 -7.64
C GLY A 51 8.32 3.35 -8.02
N LEU A 52 7.58 3.84 -7.03
CA LEU A 52 6.50 4.81 -7.27
C LEU A 52 6.64 6.08 -6.40
N GLY A 53 7.83 6.67 -6.37
CA GLY A 53 8.05 7.88 -5.56
C GLY A 53 7.64 9.21 -6.17
N ALA A 54 7.22 9.24 -7.44
CA ALA A 54 7.00 10.51 -8.15
C ALA A 54 5.91 11.39 -7.55
N LEU A 55 5.02 10.77 -6.77
CA LEU A 55 3.91 11.50 -6.17
C LEU A 55 4.41 12.62 -5.27
N THR A 56 5.52 12.37 -4.58
CA THR A 56 6.16 13.37 -3.71
C THR A 56 6.55 14.67 -4.44
N ASN A 57 6.67 14.62 -5.77
CA ASN A 57 6.95 15.84 -6.55
C ASN A 57 5.72 16.73 -6.66
N GLU A 58 4.55 16.09 -6.66
CA GLU A 58 3.27 16.78 -6.72
C GLU A 58 2.90 17.33 -5.36
N LEU A 59 3.54 16.79 -4.33
CA LEU A 59 3.26 17.15 -2.95
C LEU A 59 3.94 18.47 -2.58
N ASP A 60 3.16 19.42 -2.04
CA ASP A 60 3.74 20.61 -1.39
C ASP A 60 4.24 20.22 0.00
N ILE A 61 5.54 19.95 0.11
CA ILE A 61 6.12 19.34 1.31
C ILE A 61 6.35 20.40 2.39
N ASP A 62 5.67 20.21 3.52
CA ASP A 62 5.82 21.12 4.66
C ASP A 62 6.91 20.60 5.61
N THR A 63 6.95 19.29 5.83
CA THR A 63 7.93 18.69 6.73
C THR A 63 8.48 17.39 6.12
N THR A 64 9.78 17.15 6.30
CA THR A 64 10.40 15.87 5.91
C THR A 64 11.02 15.20 7.12
N ILE A 65 10.63 13.95 7.37
CA ILE A 65 11.16 13.18 8.51
C ILE A 65 11.78 11.86 8.04
N PRO A 66 13.13 11.81 7.95
CA PRO A 66 13.81 10.57 7.58
C PRO A 66 13.45 9.44 8.55
N TYR A 67 13.17 8.25 8.02
CA TYR A 67 12.84 7.07 8.85
C TYR A 67 13.86 6.79 9.97
N GLU A 68 15.14 7.04 9.70
CA GLU A 68 16.23 6.75 10.65
C GLU A 68 16.14 7.54 11.95
N THR A 69 15.43 8.68 11.90
CA THR A 69 15.28 9.55 13.08
C THR A 69 14.03 9.22 13.90
N ILE A 70 13.11 8.45 13.32
CA ILE A 70 11.83 8.18 13.98
C ILE A 70 11.96 7.07 15.05
N PRO A 71 11.65 7.39 16.32
CA PRO A 71 11.68 6.38 17.37
C PRO A 71 10.88 5.13 16.98
N HIS A 72 11.47 3.97 17.26
CA HIS A 72 10.86 2.62 17.09
C HIS A 72 10.55 2.17 15.65
N PHE A 73 10.83 3.01 14.66
CA PHE A 73 10.80 2.57 13.27
C PHE A 73 11.93 1.58 13.02
N PRO A 74 11.69 0.58 12.15
CA PRO A 74 12.75 -0.36 11.81
C PRO A 74 13.89 0.35 11.06
N LEU A 75 15.14 -0.02 11.37
CA LEU A 75 16.32 0.61 10.75
C LEU A 75 16.62 0.10 9.33
N SER A 76 17.04 1.03 8.46
CA SER A 76 17.72 0.74 7.17
C SER A 76 16.98 -0.10 6.11
N THR A 77 16.16 0.56 5.30
CA THR A 77 15.30 -0.11 4.30
C THR A 77 15.90 -0.16 2.88
N VAL A 78 15.58 -1.23 2.14
CA VAL A 78 16.13 -1.47 0.79
C VAL A 78 15.38 -0.65 -0.29
N SER A 82 16.60 4.92 1.69
CA SER A 82 16.63 5.76 2.89
C SER A 82 15.34 5.64 3.70
N GLY A 83 14.23 6.06 3.07
CA GLY A 83 12.92 6.04 3.71
C GLY A 83 12.56 7.37 4.33
N LYS A 84 11.47 7.97 3.88
CA LYS A 84 11.04 9.26 4.40
C LYS A 84 9.55 9.37 4.64
N LEU A 85 9.21 10.01 5.74
CA LEU A 85 7.84 10.42 6.01
C LEU A 85 7.72 11.89 5.62
N LEU A 86 6.80 12.19 4.71
CA LEU A 86 6.63 13.55 4.23
C LEU A 86 5.24 14.05 4.62
N ILE A 87 5.17 15.24 5.21
CA ILE A 87 3.89 15.84 5.59
C ILE A 87 3.71 17.11 4.77
N GLY A 88 2.58 17.21 4.08
CA GLY A 88 2.35 18.38 3.24
C GLY A 88 0.94 18.46 2.71
N THR A 89 0.79 19.21 1.61
CA THR A 89 -0.51 19.45 0.99
C THR A 89 -0.58 18.79 -0.38
N LEU A 90 -1.69 18.11 -0.63
CA LEU A 90 -1.96 17.49 -1.93
C LEU A 90 -3.47 17.50 -2.14
N GLY A 91 -3.88 17.87 -3.35
CA GLY A 91 -5.30 18.01 -3.67
C GLY A 91 -6.04 18.91 -2.69
N GLY A 92 -5.36 19.96 -2.24
CA GLY A 92 -5.96 20.92 -1.31
C GLY A 92 -6.18 20.43 0.12
N LYS A 93 -5.61 19.27 0.45
CA LYS A 93 -5.75 18.67 1.78
C LYS A 93 -4.42 18.29 2.41
N SER A 94 -4.38 18.27 3.74
CA SER A 94 -3.21 17.81 4.49
C SER A 94 -3.10 16.30 4.41
N VAL A 95 -1.91 15.81 4.06
CA VAL A 95 -1.66 14.36 3.94
C VAL A 95 -0.31 14.00 4.53
N VAL A 96 -0.15 12.74 4.91
CA VAL A 96 1.16 12.19 5.27
C VAL A 96 1.50 11.12 4.21
N VAL A 97 2.75 11.14 3.75
CA VAL A 97 3.18 10.22 2.72
C VAL A 97 4.37 9.44 3.22
N MSE A 98 4.27 8.11 3.14
CA MSE A 98 5.36 7.22 3.44
C MSE A 98 6.08 6.95 2.15
O MSE A 98 5.53 6.29 1.26
CB MSE A 98 4.78 5.90 3.92
CG MSE A 98 4.61 5.85 5.43
SE MSE A 98 4.11 3.98 5.80
CE MSE A 98 5.77 3.01 5.43
N GLN A 99 7.29 7.48 2.03
CA GLN A 99 8.15 7.17 0.89
C GLN A 99 9.18 6.13 1.29
N GLY A 100 8.91 4.90 0.89
CA GLY A 100 9.67 3.75 1.36
C GLY A 100 8.81 2.98 2.35
N ARG A 101 8.84 1.66 2.24
CA ARG A 101 8.13 0.80 3.17
C ARG A 101 8.97 -0.42 3.55
N PHE A 102 8.48 -1.19 4.49
CA PHE A 102 9.21 -2.31 5.05
C PHE A 102 8.60 -3.61 4.51
N HIS A 103 9.44 -4.49 3.98
CA HIS A 103 8.91 -5.70 3.37
C HIS A 103 9.27 -6.93 4.19
N TYR A 104 8.33 -7.84 4.31
CA TYR A 104 8.60 -9.12 4.95
C TYR A 104 9.83 -9.84 4.35
N TYR A 105 10.01 -9.75 3.03
CA TYR A 105 11.15 -10.43 2.42
C TYR A 105 12.49 -9.81 2.82
N GLU A 106 12.46 -8.60 3.35
CA GLU A 106 13.69 -7.97 3.86
C GLU A 106 14.06 -8.47 5.25
N GLY A 107 13.26 -9.37 5.82
CA GLY A 107 13.58 -9.90 7.14
C GLY A 107 12.93 -9.18 8.30
N TYR A 108 12.03 -8.23 8.02
CA TYR A 108 11.29 -7.55 9.09
C TYR A 108 10.15 -8.45 9.53
N THR A 109 9.77 -8.39 10.80
CA THR A 109 8.59 -9.12 11.26
C THR A 109 7.37 -8.42 10.69
N MSE A 110 6.22 -9.10 10.71
CA MSE A 110 4.94 -8.49 10.28
C MSE A 110 4.55 -7.33 11.19
O MSE A 110 3.87 -6.40 10.76
CB MSE A 110 3.78 -9.49 10.30
CG MSE A 110 3.73 -10.46 9.12
SE MSE A 110 3.90 -9.52 7.39
CE MSE A 110 3.80 -11.13 6.24
N GLN A 111 4.97 -7.38 12.45
CA GLN A 111 4.71 -6.27 13.39
C GLN A 111 5.48 -5.00 12.96
N GLN A 112 6.72 -5.18 12.51
CA GLN A 112 7.52 -4.08 11.99
C GLN A 112 6.97 -3.59 10.66
N VAL A 113 6.59 -4.51 9.78
CA VAL A 113 6.02 -4.15 8.48
C VAL A 113 4.81 -3.20 8.67
N THR A 114 4.00 -3.47 9.69
CA THR A 114 2.74 -2.73 9.87
C THR A 114 2.78 -1.63 10.95
N TYR A 115 3.91 -1.52 11.64
CA TYR A 115 4.07 -0.45 12.64
C TYR A 115 3.74 0.95 12.08
N PRO A 116 4.22 1.29 10.87
CA PRO A 116 3.84 2.60 10.37
C PRO A 116 2.32 2.81 10.25
N VAL A 117 1.57 1.76 9.94
CA VAL A 117 0.12 1.93 9.87
C VAL A 117 -0.48 2.27 11.24
N ARG A 118 0.00 1.58 12.27
CA ARG A 118 -0.42 1.87 13.65
C ARG A 118 -0.10 3.31 14.04
N VAL A 119 1.06 3.78 13.59
CA VAL A 119 1.48 5.16 13.82
C VAL A 119 0.55 6.16 13.11
N MSE A 120 0.22 5.88 11.84
CA MSE A 120 -0.69 6.76 11.11
C MSE A 120 -2.03 6.84 11.79
O MSE A 120 -2.58 7.92 11.98
CB MSE A 120 -0.81 6.29 9.66
CG MSE A 120 0.39 6.87 8.89
SE MSE A 120 0.24 6.32 7.01
CE MSE A 120 0.58 4.42 7.28
N HIS A 121 -2.57 5.68 12.18
CA HIS A 121 -3.79 5.62 13.00
C HIS A 121 -3.72 6.55 14.23
N ALA A 122 -2.63 6.47 14.99
CA ALA A 122 -2.50 7.23 16.25
C ALA A 122 -2.29 8.72 15.96
N LEU A 123 -1.84 9.04 14.74
CA LEU A 123 -1.74 10.41 14.29
C LEU A 123 -3.10 11.00 13.94
N GLY A 124 -4.11 10.16 13.82
CA GLY A 124 -5.43 10.64 13.44
C GLY A 124 -5.74 10.44 11.97
N ILE A 125 -4.92 9.66 11.25
CA ILE A 125 -5.19 9.36 9.84
C ILE A 125 -6.42 8.45 9.76
N GLN A 126 -7.41 8.84 8.97
CA GLN A 126 -8.65 8.05 8.83
C GLN A 126 -8.74 7.33 7.47
N THR A 127 -8.11 7.91 6.45
CA THR A 127 -8.15 7.35 5.11
C THR A 127 -6.75 7.00 4.67
N LEU A 128 -6.58 5.76 4.22
CA LEU A 128 -5.29 5.27 3.82
C LEU A 128 -5.32 4.85 2.36
N LEU A 129 -4.40 5.41 1.57
CA LEU A 129 -4.25 5.05 0.16
C LEU A 129 -2.95 4.30 0.01
N VAL A 130 -3.04 3.06 -0.49
CA VAL A 130 -1.88 2.20 -0.59
C VAL A 130 -1.68 1.85 -2.06
N SER A 131 -0.46 2.00 -2.53
CA SER A 131 -0.11 1.62 -3.89
C SER A 131 1.01 0.58 -3.87
N ASN A 132 1.09 -0.24 -4.93
CA ASN A 132 2.17 -1.20 -5.07
C ASN A 132 2.41 -1.57 -6.53
N ALA A 133 3.45 -2.36 -6.77
CA ALA A 133 3.69 -2.97 -8.07
C ALA A 133 3.26 -4.43 -7.97
N ALA A 134 2.69 -4.98 -9.04
CA ALA A 134 2.24 -6.37 -9.01
C ALA A 134 2.38 -7.00 -10.38
N GLY A 135 2.50 -8.33 -10.40
CA GLY A 135 2.39 -9.11 -11.63
C GLY A 135 0.94 -9.32 -12.06
N GLY A 136 0.63 -9.09 -13.33
CA GLY A 136 -0.75 -9.22 -13.82
C GLY A 136 -1.02 -10.64 -14.28
N MSE A 137 -2.09 -11.25 -13.76
CA MSE A 137 -2.46 -12.61 -14.19
C MSE A 137 -3.76 -12.63 -14.97
O MSE A 137 -4.04 -13.57 -15.69
CB MSE A 137 -2.58 -13.56 -13.02
CG MSE A 137 -1.21 -13.79 -12.38
SE MSE A 137 -1.47 -14.89 -10.75
CE MSE A 137 -2.28 -13.49 -9.64
N ASN A 138 -4.57 -11.58 -14.82
CA ASN A 138 -5.75 -11.40 -15.64
C ASN A 138 -5.34 -11.19 -17.11
N PRO A 139 -5.85 -12.04 -18.05
CA PRO A 139 -5.42 -11.96 -19.46
C PRO A 139 -5.67 -10.63 -20.17
N THR A 140 -6.60 -9.81 -19.67
CA THR A 140 -6.86 -8.47 -20.26
C THR A 140 -5.88 -7.39 -19.80
N PHE A 141 -5.04 -7.69 -18.81
CA PHE A 141 -4.10 -6.68 -18.27
C PHE A 141 -2.90 -6.47 -19.20
N GLN A 142 -2.43 -5.24 -19.27
CA GLN A 142 -1.19 -4.91 -20.00
C GLN A 142 -0.23 -4.24 -19.04
N THR A 143 1.08 -4.28 -19.33
CA THR A 143 2.07 -3.60 -18.46
C THR A 143 1.75 -2.11 -18.40
N SER A 144 1.88 -1.52 -17.21
CA SER A 144 1.54 -0.13 -16.92
C SER A 144 0.07 0.12 -16.60
N ASP A 145 -0.80 -0.90 -16.73
CA ASP A 145 -2.21 -0.75 -16.27
C ASP A 145 -2.29 -0.43 -14.78
N LEU A 146 -3.27 0.38 -14.39
CA LEU A 146 -3.58 0.60 -12.98
C LEU A 146 -4.75 -0.29 -12.59
N MSE A 147 -4.60 -1.06 -11.51
CA MSE A 147 -5.66 -1.95 -11.05
C MSE A 147 -6.05 -1.62 -9.63
O MSE A 147 -5.24 -1.81 -8.70
CB MSE A 147 -5.24 -3.44 -11.06
CG MSE A 147 -6.44 -4.37 -10.76
SE MSE A 147 -5.79 -6.11 -10.11
CE MSE A 147 -5.49 -5.59 -8.22
N VAL A 148 -7.27 -1.14 -9.47
CA VAL A 148 -7.85 -0.93 -8.14
C VAL A 148 -8.01 -2.28 -7.46
N ILE A 149 -7.59 -2.35 -6.21
CA ILE A 149 -7.73 -3.59 -5.47
C ILE A 149 -9.11 -3.58 -4.85
N ASP A 150 -9.99 -4.48 -5.32
CA ASP A 150 -11.30 -4.53 -4.68
C ASP A 150 -11.46 -5.63 -3.61
N ASP A 151 -10.48 -6.56 -3.55
CA ASP A 151 -10.43 -7.61 -2.53
C ASP A 151 -9.04 -8.23 -2.50
N HIS A 152 -8.73 -9.03 -1.49
CA HIS A 152 -7.43 -9.69 -1.47
C HIS A 152 -7.50 -11.12 -0.94
N ILE A 153 -6.41 -11.86 -1.17
CA ILE A 153 -6.20 -13.17 -0.59
C ILE A 153 -4.96 -13.06 0.29
N SER A 154 -5.11 -13.35 1.59
CA SER A 154 -4.02 -13.15 2.56
C SER A 154 -3.46 -14.44 3.13
N LEU A 155 -4.05 -15.57 2.76
CA LEU A 155 -3.83 -16.82 3.46
C LEU A 155 -2.51 -17.49 3.15
N LEU A 156 -1.76 -16.99 2.17
CA LEU A 156 -0.39 -17.47 1.96
C LEU A 156 0.64 -16.80 2.88
N LEU A 157 0.25 -15.75 3.58
CA LEU A 157 1.23 -15.04 4.37
C LEU A 157 1.57 -15.88 5.60
N PRO A 158 2.86 -16.05 5.89
CA PRO A 158 3.28 -17.07 6.83
C PRO A 158 3.19 -16.60 8.27
N GLN A 159 3.02 -15.30 8.47
CA GLN A 159 2.95 -14.70 9.78
C GLN A 159 1.83 -13.66 9.64
N ASN A 160 1.07 -13.47 10.72
CA ASN A 160 -0.09 -12.57 10.72
C ASN A 160 0.16 -11.41 11.68
N PRO A 161 0.02 -10.16 11.21
CA PRO A 161 0.32 -9.01 12.07
C PRO A 161 -0.64 -8.85 13.27
N LEU A 162 -1.75 -9.58 13.32
CA LEU A 162 -2.69 -9.44 14.42
C LEU A 162 -2.52 -10.47 15.53
N ILE A 163 -1.57 -11.39 15.35
CA ILE A 163 -1.39 -12.42 16.35
C ILE A 163 -0.57 -11.83 17.49
N CYS A 164 -1.28 -11.55 18.59
CA CYS A 164 -0.74 -10.89 19.76
CA CYS A 164 -0.75 -10.86 19.77
C CYS A 164 -1.18 -11.62 21.03
N PRO A 165 -0.29 -11.71 22.06
CA PRO A 165 -0.73 -12.39 23.28
C PRO A 165 -1.88 -11.66 24.00
N ASN A 166 -2.01 -10.35 23.75
CA ASN A 166 -3.06 -9.53 24.36
C ASN A 166 -4.05 -8.97 23.35
N PRO A 167 -5.35 -8.94 23.72
CA PRO A 167 -6.42 -8.32 22.91
C PRO A 167 -6.10 -6.85 22.57
N PRO A 168 -6.55 -6.37 21.39
CA PRO A 168 -6.16 -5.03 20.92
C PRO A 168 -6.74 -3.92 21.79
N ILE A 169 -5.99 -2.85 21.98
CA ILE A 169 -6.51 -1.64 22.63
C ILE A 169 -7.62 -1.06 21.73
N PHE A 170 -7.34 -0.92 20.44
CA PHE A 170 -8.35 -0.45 19.47
C PHE A 170 -8.86 -1.60 18.60
N GLY A 171 -10.16 -1.60 18.33
CA GLY A 171 -10.76 -2.48 17.35
C GLY A 171 -11.27 -3.79 17.89
N ASP A 172 -11.80 -4.62 16.99
CA ASP A 172 -12.33 -5.93 17.35
C ASP A 172 -11.22 -6.97 17.42
N ARG A 173 -11.45 -8.00 18.23
CA ARG A 173 -10.56 -9.15 18.28
C ARG A 173 -10.53 -9.92 16.96
N PHE A 174 -11.70 -10.09 16.35
CA PHE A 174 -11.83 -10.84 15.12
C PHE A 174 -12.42 -9.96 14.05
N PRO A 175 -11.61 -9.09 13.43
CA PRO A 175 -12.26 -8.12 12.56
C PRO A 175 -12.88 -8.70 11.28
N ASP A 176 -14.03 -8.16 10.92
CA ASP A 176 -14.72 -8.53 9.70
C ASP A 176 -13.87 -8.12 8.48
N MSE A 177 -13.81 -8.95 7.45
CA MSE A 177 -13.06 -8.61 6.23
C MSE A 177 -13.92 -8.72 5.01
O MSE A 177 -13.41 -9.00 3.91
CB MSE A 177 -11.87 -9.56 6.14
CG MSE A 177 -10.91 -9.28 7.30
SE MSE A 177 -9.94 -7.57 7.01
CE MSE A 177 -8.77 -8.07 5.53
N SER A 178 -15.22 -8.49 5.16
CA SER A 178 -16.14 -8.48 4.01
C SER A 178 -16.00 -7.25 3.11
N GLU A 179 -15.32 -6.19 3.57
CA GLU A 179 -15.09 -5.02 2.73
C GLU A 179 -13.77 -4.35 3.09
N PRO A 180 -12.64 -5.02 2.85
CA PRO A 180 -11.36 -4.43 3.28
C PRO A 180 -10.96 -3.19 2.48
N TYR A 181 -11.50 -3.03 1.28
CA TYR A 181 -11.25 -1.85 0.44
C TYR A 181 -12.59 -1.14 0.29
N ARG A 182 -12.69 0.06 0.85
CA ARG A 182 -13.99 0.70 0.99
C ARG A 182 -14.62 1.00 -0.39
N LYS A 183 -15.86 0.56 -0.58
CA LYS A 183 -16.56 0.75 -1.86
C LYS A 183 -16.61 2.21 -2.32
N SER A 184 -16.91 3.14 -1.41
CA SER A 184 -17.00 4.56 -1.80
C SER A 184 -15.68 5.04 -2.41
N LEU A 185 -14.55 4.52 -1.91
CA LEU A 185 -13.27 4.96 -2.45
C LEU A 185 -12.97 4.33 -3.80
N ILE A 186 -13.44 3.09 -4.00
CA ILE A 186 -13.35 2.43 -5.30
C ILE A 186 -14.20 3.21 -6.33
N ASP A 187 -15.43 3.54 -5.96
CA ASP A 187 -16.31 4.29 -6.86
C ASP A 187 -15.72 5.64 -7.21
N LEU A 188 -15.11 6.29 -6.22
CA LEU A 188 -14.48 7.58 -6.42
C LEU A 188 -13.34 7.47 -7.43
N ALA A 189 -12.52 6.42 -7.28
CA ALA A 189 -11.41 6.14 -8.22
C ALA A 189 -11.94 6.08 -9.65
N PHE A 190 -13.05 5.36 -9.82
CA PHE A 190 -13.61 5.16 -11.14
C PHE A 190 -14.23 6.42 -11.70
N SER A 191 -14.84 7.21 -10.82
CA SER A 191 -15.43 8.50 -11.19
C SER A 191 -14.34 9.45 -11.70
N VAL A 192 -13.27 9.60 -10.91
CA VAL A 192 -12.15 10.46 -11.27
C VAL A 192 -11.50 9.98 -12.57
N ALA A 193 -11.28 8.67 -12.68
CA ALA A 193 -10.63 8.09 -13.87
C ALA A 193 -11.42 8.33 -15.16
N ALA A 194 -12.75 8.26 -15.08
CA ALA A 194 -13.60 8.48 -16.24
C ALA A 194 -13.49 9.95 -16.65
N GLU A 195 -13.51 10.83 -15.65
CA GLU A 195 -13.39 12.26 -15.86
C GLU A 195 -12.05 12.67 -16.46
N LEU A 196 -10.99 11.97 -16.09
CA LEU A 196 -9.65 12.29 -16.61
C LEU A 196 -9.23 11.40 -17.77
N ASP A 197 -10.13 10.53 -18.22
CA ASP A 197 -9.84 9.52 -19.25
C ASP A 197 -8.63 8.62 -18.97
N ILE A 198 -8.53 8.17 -17.72
CA ILE A 198 -7.51 7.22 -17.32
C ILE A 198 -8.17 5.85 -17.34
N PRO A 199 -7.65 4.92 -18.18
CA PRO A 199 -8.22 3.57 -18.17
C PRO A 199 -7.94 2.98 -16.79
N LEU A 200 -8.91 2.28 -16.21
CA LEU A 200 -8.70 1.75 -14.87
C LEU A 200 -9.24 0.36 -14.82
N LYS A 201 -8.45 -0.57 -14.30
CA LYS A 201 -8.88 -1.96 -14.05
CA LYS A 201 -8.97 -1.92 -14.06
C LYS A 201 -9.20 -2.15 -12.57
N ARG A 202 -9.80 -3.29 -12.22
CA ARG A 202 -10.01 -3.63 -10.82
C ARG A 202 -9.89 -5.13 -10.67
N GLY A 203 -9.59 -5.59 -9.46
CA GLY A 203 -9.54 -7.01 -9.24
C GLY A 203 -8.95 -7.41 -7.90
N VAL A 204 -8.67 -8.70 -7.79
CA VAL A 204 -8.27 -9.36 -6.56
C VAL A 204 -6.75 -9.44 -6.54
N TYR A 205 -6.18 -8.94 -5.45
CA TYR A 205 -4.73 -9.00 -5.23
C TYR A 205 -4.37 -10.13 -4.27
N VAL A 206 -3.36 -10.91 -4.62
CA VAL A 206 -2.84 -11.93 -3.70
C VAL A 206 -1.41 -11.59 -3.27
N SER A 207 -1.18 -11.68 -1.95
CA SER A 207 0.11 -11.41 -1.36
CA SER A 207 0.12 -11.41 -1.36
C SER A 207 0.92 -12.70 -1.22
N VAL A 208 2.18 -12.65 -1.64
CA VAL A 208 3.12 -13.73 -1.41
C VAL A 208 4.30 -13.10 -0.65
N THR A 209 5.13 -13.91 -0.01
CA THR A 209 6.31 -13.35 0.66
C THR A 209 7.40 -12.88 -0.32
N GLY A 210 7.59 -13.62 -1.41
CA GLY A 210 8.84 -13.53 -2.19
C GLY A 210 10.03 -13.95 -1.33
N PRO A 211 11.26 -13.52 -1.69
CA PRO A 211 11.57 -12.56 -2.74
C PRO A 211 11.68 -13.17 -4.14
N GLN A 212 11.80 -14.50 -4.28
CA GLN A 212 11.81 -15.10 -5.63
C GLN A 212 10.45 -14.89 -6.31
N LEU A 213 10.45 -14.75 -7.63
CA LEU A 213 9.19 -14.59 -8.37
C LEU A 213 8.50 -15.96 -8.46
N GLU A 214 7.30 -16.00 -9.01
CA GLU A 214 6.52 -17.23 -8.95
C GLU A 214 6.86 -18.12 -10.14
N THR A 215 6.69 -19.42 -9.96
CA THR A 215 6.85 -20.37 -11.06
C THR A 215 5.61 -20.34 -11.95
N ARG A 216 5.71 -20.93 -13.13
CA ARG A 216 4.57 -21.08 -14.05
C ARG A 216 3.42 -21.82 -13.36
N ALA A 217 3.74 -22.93 -12.67
CA ALA A 217 2.71 -23.70 -11.94
C ALA A 217 2.06 -22.82 -10.88
N GLU A 218 2.85 -21.95 -10.25
CA GLU A 218 2.31 -21.08 -9.21
C GLU A 218 1.39 -20.02 -9.80
N TYR A 219 1.81 -19.37 -10.88
CA TYR A 219 0.93 -18.41 -11.57
C TYR A 219 -0.39 -19.03 -11.99
N ARG A 220 -0.33 -20.24 -12.55
CA ARG A 220 -1.53 -20.95 -12.97
C ARG A 220 -2.49 -21.17 -11.78
N MSE A 221 -1.93 -21.61 -10.66
CA MSE A 221 -2.76 -21.94 -9.50
C MSE A 221 -3.34 -20.68 -8.89
O MSE A 221 -4.50 -20.67 -8.49
CB MSE A 221 -1.84 -22.71 -8.53
CG MSE A 221 -2.39 -22.82 -7.10
SE MSE A 221 -0.96 -23.50 -5.89
CE MSE A 221 -0.06 -21.79 -5.51
N LEU A 222 -2.54 -19.62 -8.77
CA LEU A 222 -3.01 -18.37 -8.19
C LEU A 222 -4.16 -17.77 -8.99
N ARG A 223 -4.03 -17.86 -10.31
CA ARG A 223 -5.10 -17.40 -11.21
C ARG A 223 -6.36 -18.23 -11.03
N GLN A 224 -6.20 -19.55 -11.00
CA GLN A 224 -7.28 -20.47 -10.73
C GLN A 224 -7.98 -20.17 -9.40
N TRP A 225 -7.23 -19.75 -8.38
CA TRP A 225 -7.84 -19.35 -7.09
C TRP A 225 -8.72 -18.12 -7.23
N GLY A 226 -8.56 -17.40 -8.32
CA GLY A 226 -9.32 -16.15 -8.56
C GLY A 226 -8.52 -14.86 -8.35
N ALA A 227 -7.19 -14.94 -8.22
CA ALA A 227 -6.39 -13.70 -8.14
C ALA A 227 -6.18 -13.06 -9.51
N ASP A 228 -6.25 -11.74 -9.56
CA ASP A 228 -5.91 -10.98 -10.77
C ASP A 228 -4.47 -10.47 -10.84
N ALA A 229 -3.89 -10.18 -9.67
CA ALA A 229 -2.55 -9.58 -9.58
C ALA A 229 -1.90 -10.17 -8.34
N VAL A 230 -0.59 -10.34 -8.37
CA VAL A 230 0.17 -10.91 -7.25
C VAL A 230 1.32 -9.95 -6.90
N GLY A 231 1.54 -9.70 -5.62
CA GLY A 231 2.64 -8.83 -5.19
C GLY A 231 3.18 -9.27 -3.85
N MSE A 232 4.19 -8.57 -3.36
CA MSE A 232 4.91 -9.01 -2.19
C MSE A 232 4.70 -8.07 -1.04
O MSE A 232 5.52 -8.03 -0.11
CB MSE A 232 6.42 -9.07 -2.54
CG MSE A 232 6.69 -10.17 -3.56
SE MSE A 232 8.62 -10.10 -3.97
CE MSE A 232 8.56 -11.38 -5.46
N SER A 233 3.61 -7.30 -1.06
CA SER A 233 3.37 -6.35 0.04
C SER A 233 1.89 -6.11 0.31
N THR A 234 1.62 -5.04 1.07
CA THR A 234 0.31 -4.40 1.11
C THR A 234 -0.72 -5.08 1.99
N VAL A 235 -0.91 -6.39 1.81
CA VAL A 235 -1.97 -7.08 2.52
C VAL A 235 -1.86 -6.94 4.07
N PRO A 236 -0.64 -7.12 4.65
CA PRO A 236 -0.52 -6.93 6.10
C PRO A 236 -1.01 -5.54 6.56
N GLU A 237 -0.61 -4.50 5.82
CA GLU A 237 -0.99 -3.13 6.12
C GLU A 237 -2.50 -2.95 6.08
N VAL A 238 -3.14 -3.56 5.08
CA VAL A 238 -4.57 -3.42 4.88
C VAL A 238 -5.33 -4.11 6.02
N ILE A 239 -4.82 -5.26 6.46
CA ILE A 239 -5.41 -5.99 7.57
C ILE A 239 -5.38 -5.16 8.85
N VAL A 240 -4.22 -4.61 9.14
CA VAL A 240 -4.07 -3.75 10.31
C VAL A 240 -4.91 -2.47 10.19
N ALA A 241 -4.91 -1.86 9.00
CA ALA A 241 -5.69 -0.63 8.81
C ALA A 241 -7.18 -0.88 9.05
N ASN A 242 -7.69 -2.02 8.55
CA ASN A 242 -9.10 -2.37 8.73
C ASN A 242 -9.44 -2.72 10.18
N GLN A 243 -8.52 -3.42 10.84
CA GLN A 243 -8.72 -3.72 12.24
C GLN A 243 -8.81 -2.43 13.06
N LEU A 244 -8.00 -1.42 12.69
CA LEU A 244 -8.01 -0.14 13.36
C LEU A 244 -9.13 0.80 12.92
N GLY A 245 -9.99 0.34 12.02
CA GLY A 245 -11.17 1.09 11.59
C GLY A 245 -10.92 2.18 10.57
N MSE A 246 -9.76 2.12 9.89
CA MSE A 246 -9.47 3.10 8.85
C MSE A 246 -10.13 2.68 7.55
O MSE A 246 -10.42 1.50 7.33
CB MSE A 246 -7.95 3.20 8.66
CG MSE A 246 -7.26 3.46 10.01
SE MSE A 246 -5.30 3.22 9.83
CE MSE A 246 -5.08 5.05 9.20
N ASP A 247 -10.39 3.66 6.68
CA ASP A 247 -10.88 3.41 5.33
C ASP A 247 -9.69 3.21 4.40
N VAL A 248 -9.66 2.09 3.67
CA VAL A 248 -8.53 1.78 2.81
C VAL A 248 -8.91 1.79 1.32
N PHE A 249 -8.05 2.41 0.51
CA PHE A 249 -8.06 2.27 -0.94
C PHE A 249 -6.72 1.71 -1.39
N GLY A 250 -6.74 0.71 -2.26
CA GLY A 250 -5.48 0.06 -2.73
C GLY A 250 -5.41 0.05 -4.24
N ILE A 251 -4.21 0.23 -4.78
CA ILE A 251 -4.06 0.26 -6.24
C ILE A 251 -2.72 -0.36 -6.63
N SER A 252 -2.77 -1.27 -7.61
CA SER A 252 -1.55 -1.87 -8.12
C SER A 252 -1.18 -1.30 -9.47
N VAL A 253 0.10 -1.06 -9.69
CA VAL A 253 0.63 -0.90 -11.04
C VAL A 253 1.05 -2.27 -11.59
N ILE A 254 0.48 -2.67 -12.72
CA ILE A 254 0.84 -3.95 -13.35
C ILE A 254 2.21 -3.78 -14.06
N THR A 255 3.27 -4.34 -13.48
CA THR A 255 4.64 -4.04 -13.95
C THR A 255 5.16 -5.13 -14.87
N ASP A 256 4.50 -6.29 -14.86
CA ASP A 256 4.94 -7.44 -15.65
C ASP A 256 3.80 -8.41 -15.78
N LEU A 257 3.80 -9.15 -16.88
CA LEU A 257 2.70 -10.06 -17.17
C LEU A 257 3.07 -11.48 -16.78
N CYS A 258 2.10 -12.17 -16.22
CA CYS A 258 2.30 -13.48 -15.63
C CYS A 258 1.28 -14.46 -16.22
N PHE A 259 1.34 -14.59 -17.55
CA PHE A 259 0.53 -15.58 -18.25
C PHE A 259 1.47 -16.78 -18.41
N PRO A 260 1.17 -17.90 -17.70
CA PRO A 260 2.15 -19.00 -17.52
C PRO A 260 2.55 -19.71 -18.83
N ASP A 261 1.62 -19.77 -19.80
CA ASP A 261 1.90 -20.39 -21.10
C ASP A 261 2.91 -19.58 -21.92
N THR A 262 2.90 -18.26 -21.75
CA THR A 262 3.79 -17.36 -22.49
C THR A 262 4.71 -16.55 -21.55
N LEU A 263 5.11 -17.15 -20.43
CA LEU A 263 5.95 -16.48 -19.43
C LEU A 263 7.41 -16.32 -19.88
N GLU A 264 7.93 -15.08 -19.79
CA GLU A 264 9.36 -14.79 -20.01
C GLU A 264 10.05 -14.33 -18.72
N LYS A 265 11.38 -14.29 -18.77
CA LYS A 265 12.18 -13.86 -17.62
C LYS A 265 11.83 -12.42 -17.24
N ALA A 266 11.61 -12.20 -15.96
CA ALA A 266 11.35 -10.85 -15.46
C ALA A 266 12.65 -10.28 -14.89
N GLU A 267 12.78 -8.95 -14.92
CA GLU A 267 13.99 -8.30 -14.45
C GLU A 267 13.58 -7.13 -13.61
N LEU A 268 14.24 -6.94 -12.46
CA LEU A 268 13.92 -5.85 -11.56
C LEU A 268 13.97 -4.49 -12.28
N VAL A 269 14.98 -4.26 -13.12
CA VAL A 269 15.13 -2.96 -13.79
C VAL A 269 13.92 -2.65 -14.70
N LYS A 270 13.46 -3.65 -15.46
CA LYS A 270 12.30 -3.49 -16.34
C LYS A 270 11.02 -3.25 -15.54
N ILE A 271 10.89 -3.94 -14.40
CA ILE A 271 9.75 -3.76 -13.49
C ILE A 271 9.70 -2.34 -12.94
N LEU A 272 10.87 -1.84 -12.49
CA LEU A 272 10.95 -0.46 -12.01
C LEU A 272 10.66 0.55 -13.12
N ALA A 273 11.19 0.30 -14.32
CA ALA A 273 10.98 1.22 -15.44
C ALA A 273 9.48 1.30 -15.77
N THR A 274 8.81 0.14 -15.82
CA THR A 274 7.39 0.06 -16.11
C THR A 274 6.55 0.77 -15.06
N ALA A 275 6.93 0.60 -13.79
CA ALA A 275 6.29 1.32 -12.70
C ALA A 275 6.38 2.83 -12.92
N ALA A 276 7.57 3.29 -13.27
CA ALA A 276 7.84 4.71 -13.50
C ALA A 276 6.98 5.25 -14.65
N GLN A 277 6.82 4.43 -15.70
CA GLN A 277 5.98 4.77 -16.85
C GLN A 277 4.55 5.13 -16.45
N ALA A 278 3.99 4.38 -15.51
CA ALA A 278 2.60 4.53 -15.09
C ALA A 278 2.38 5.67 -14.08
N GLU A 279 3.47 6.15 -13.48
CA GLU A 279 3.36 7.09 -12.36
C GLU A 279 2.59 8.38 -12.66
N PRO A 280 2.84 9.01 -13.84
CA PRO A 280 2.07 10.24 -14.11
C PRO A 280 0.56 10.06 -14.00
N LYS A 281 0.01 9.00 -14.61
CA LYS A 281 -1.43 8.72 -14.52
C LYS A 281 -1.85 8.46 -13.08
N LEU A 282 -1.07 7.65 -12.37
CA LEU A 282 -1.36 7.31 -10.98
C LEU A 282 -1.39 8.57 -10.10
N THR A 283 -0.37 9.41 -10.24
CA THR A 283 -0.27 10.67 -9.47
C THR A 283 -1.49 11.56 -9.72
N MSE A 284 -1.86 11.71 -10.99
CA MSE A 284 -3.01 12.52 -11.38
C MSE A 284 -4.29 11.97 -10.80
O MSE A 284 -5.11 12.72 -10.26
CB MSE A 284 -2.98 12.53 -12.90
CG MSE A 284 -4.31 12.70 -13.63
SE MSE A 284 -3.90 13.39 -15.44
CE MSE A 284 -4.97 12.20 -16.60
N LEU A 285 -4.46 10.64 -10.88
CA LEU A 285 -5.61 9.98 -10.27
C LEU A 285 -5.68 10.25 -8.76
N ILE A 286 -4.56 10.05 -8.07
CA ILE A 286 -4.54 10.16 -6.61
C ILE A 286 -4.80 11.60 -6.14
N ARG A 287 -4.14 12.57 -6.78
CA ARG A 287 -4.36 14.00 -6.48
C ARG A 287 -5.83 14.37 -6.61
N GLU A 288 -6.45 13.96 -7.72
CA GLU A 288 -7.86 14.33 -7.96
C GLU A 288 -8.84 13.60 -7.04
N MSE A 289 -8.50 12.37 -6.65
CA MSE A 289 -9.27 11.65 -5.63
C MSE A 289 -9.21 12.39 -4.30
O MSE A 289 -10.25 12.60 -3.66
CB MSE A 289 -8.68 10.24 -5.44
CG MSE A 289 -9.10 9.30 -6.58
SE MSE A 289 -8.32 7.52 -6.21
CE MSE A 289 -9.65 7.11 -4.83
N ILE A 290 -8.01 12.78 -3.89
CA ILE A 290 -7.85 13.46 -2.60
C ILE A 290 -8.60 14.80 -2.63
N GLY A 291 -8.43 15.53 -3.74
CA GLY A 291 -9.17 16.76 -3.98
C GLY A 291 -10.66 16.63 -3.74
N ARG A 292 -11.19 15.44 -4.00
CA ARG A 292 -12.63 15.19 -3.94
C ARG A 292 -13.13 14.65 -2.60
N LEU A 293 -12.22 14.27 -1.71
CA LEU A 293 -12.62 13.71 -0.42
C LEU A 293 -13.28 14.75 0.50
P PO4 B . 5.77 -2.73 -3.51
O1 PO4 B . 4.99 -4.00 -3.40
O2 PO4 B . 5.88 -2.07 -2.18
O3 PO4 B . 7.16 -3.02 -4.00
O4 PO4 B . 5.12 -1.82 -4.51
P PO4 C . -4.67 21.33 8.87
O1 PO4 C . -6.07 20.76 8.97
O2 PO4 C . -4.28 21.88 10.23
O3 PO4 C . -3.70 20.25 8.49
O4 PO4 C . -4.63 22.43 7.84
N9 ADE D . 5.88 -7.53 -7.98
C8 ADE D . 5.95 -7.14 -9.25
N7 ADE D . 5.82 -8.17 -10.08
C5 ADE D . 5.64 -9.24 -9.34
C6 ADE D . 5.41 -10.66 -9.58
N6 ADE D . 5.37 -11.14 -10.80
N1 ADE D . 5.28 -11.46 -8.54
C2 ADE D . 5.33 -11.00 -7.32
N3 ADE D . 5.50 -9.73 -7.02
C4 ADE D . 5.68 -8.82 -7.97
C1 MPD E . 10.26 -4.37 -5.67
C2 MPD E . 9.15 -4.55 -6.70
O2 MPD E . 7.87 -4.68 -6.05
CM MPD E . 9.13 -3.33 -7.61
C3 MPD E . 9.37 -5.82 -7.52
C4 MPD E . 9.66 -7.09 -6.71
O4 MPD E . 8.65 -7.33 -5.68
C5 MPD E . 9.74 -8.26 -7.71
CL CL F . -8.13 -24.46 -6.70
#